data_2F35
#
_entry.id   2F35
#
_cell.length_a   97.876
_cell.length_b   97.907
_cell.length_c   128.347
_cell.angle_alpha   90.00
_cell.angle_beta   90.00
_cell.angle_gamma   90.00
#
_symmetry.space_group_name_H-M   'C 2 2 21'
#
loop_
_entity.id
_entity.type
_entity.pdbx_description
1 polymer 'GLUTAMATE RECEPTOR, IONOTROPIC KAINATE 1'
2 non-polymer 'CHLORIDE ION'
3 non-polymer 'PENTAETHYLENE GLYCOL'
4 non-polymer (S)-1-(2-AMINO-2-CARBOXYETHYL)-3-(2-CARBOXYBENZYL)PYRIMIDINE-2,4-DIONE
5 water water
#
_entity_poly.entity_id   1
_entity_poly.type   'polypeptide(L)'
_entity_poly.pdbx_seq_one_letter_code
;GSNRTLIVTTILEEPYVMYRKSDKPLYGNDRFEGYCLDLLKELSNILGFLYDVKLVPDGKYGAQNDKGEWNGMVKELIDH
RADLAVAPLTITYVREKVIDFSKPFMTLGISILYRKGTPIDSADDLAKQTKIEYGAVRDGSTMTFFKKSKISTYEKMWAF
MSSRQQSALVKNSDEGIQRVLTTDYALLMESTSIEYVTQRNCNLTQIGGLIDSKGYGVGTPIGSPYRDKITIAILQLQEE
GKLHMMKEKWWRGNGCPS
;
_entity_poly.pdbx_strand_id   A,B
#
# COMPACT_ATOMS: atom_id res chain seq x y z
N ARG A 4 16.54 -2.69 -7.20
CA ARG A 4 15.58 -2.32 -6.11
C ARG A 4 15.92 -2.95 -4.76
N THR A 5 16.31 -2.11 -3.81
CA THR A 5 16.55 -2.59 -2.45
C THR A 5 15.18 -2.58 -1.79
N LEU A 6 14.72 -3.74 -1.34
CA LEU A 6 13.42 -3.82 -0.72
C LEU A 6 13.41 -3.25 0.68
N ILE A 7 12.35 -2.53 0.98
CA ILE A 7 12.19 -2.02 2.32
C ILE A 7 11.38 -3.04 3.08
N VAL A 8 11.91 -3.50 4.21
CA VAL A 8 11.20 -4.50 4.99
C VAL A 8 10.72 -3.92 6.30
N THR A 9 9.42 -3.89 6.48
CA THR A 9 8.89 -3.41 7.75
C THR A 9 8.86 -4.57 8.73
N THR A 10 9.15 -4.28 9.99
CA THR A 10 9.11 -5.32 11.01
C THR A 10 8.83 -4.67 12.37
N ILE A 11 8.83 -5.45 13.44
CA ILE A 11 8.48 -4.89 14.74
C ILE A 11 9.30 -5.60 15.79
N LEU A 12 9.72 -4.89 16.84
CA LEU A 12 10.48 -5.53 17.93
C LEU A 12 9.61 -6.55 18.65
N GLU A 13 10.03 -7.81 18.70
CA GLU A 13 9.24 -8.82 19.39
C GLU A 13 10.15 -10.01 19.64
N GLU A 14 10.44 -10.34 20.90
CA GLU A 14 11.35 -11.44 21.21
C GLU A 14 10.72 -12.80 20.91
N PRO A 15 11.47 -13.74 20.33
CA PRO A 15 12.84 -13.70 19.83
C PRO A 15 12.84 -13.51 18.31
N TYR A 16 11.77 -12.92 17.76
CA TYR A 16 11.74 -12.72 16.30
C TYR A 16 12.62 -11.58 15.80
N VAL A 17 12.56 -10.47 16.51
CA VAL A 17 13.30 -9.27 16.12
C VAL A 17 13.76 -8.56 17.37
N MET A 18 15.07 -8.41 17.52
N MET A 18 15.07 -8.38 17.48
CA MET A 18 15.64 -7.71 18.68
CA MET A 18 15.65 -7.76 18.66
C MET A 18 16.86 -6.94 18.23
C MET A 18 16.91 -6.99 18.26
N TYR A 19 17.25 -5.96 19.05
CA TYR A 19 18.47 -5.24 18.77
C TYR A 19 19.57 -6.20 19.30
N ARG A 20 20.69 -6.28 18.58
CA ARG A 20 21.81 -7.14 19.04
C ARG A 20 22.41 -6.55 20.31
N LYS A 21 22.83 -7.42 21.25
CA LYS A 21 23.41 -6.95 22.51
C LYS A 21 24.88 -6.66 22.21
N SER A 22 25.11 -5.53 21.55
CA SER A 22 26.50 -5.16 21.16
C SER A 22 26.69 -3.67 20.95
N ASP A 23 27.87 -3.15 21.31
CA ASP A 23 28.24 -1.77 21.06
C ASP A 23 29.22 -1.70 19.87
N LYS A 24 29.42 -2.84 19.20
CA LYS A 24 30.28 -2.86 17.99
C LYS A 24 29.66 -1.97 16.90
N PRO A 25 30.45 -1.53 15.91
CA PRO A 25 29.92 -0.66 14.85
C PRO A 25 29.05 -1.50 13.92
N LEU A 26 27.77 -1.59 14.24
CA LEU A 26 26.81 -2.38 13.45
C LEU A 26 25.85 -1.35 12.88
N TYR A 27 25.57 -1.45 11.59
CA TYR A 27 24.70 -0.45 10.98
C TYR A 27 23.65 -1.13 10.16
N GLY A 28 22.59 -0.40 9.84
CA GLY A 28 21.55 -0.98 9.00
C GLY A 28 21.01 -2.28 9.51
N ASN A 29 20.91 -3.28 8.64
CA ASN A 29 20.37 -4.56 9.04
C ASN A 29 21.13 -5.28 10.15
N ASP A 30 22.41 -4.96 10.27
CA ASP A 30 23.31 -5.61 11.23
C ASP A 30 23.02 -5.26 12.69
N ARG A 31 22.18 -4.26 12.89
CA ARG A 31 21.81 -3.81 14.22
C ARG A 31 20.84 -4.79 14.88
N PHE A 32 20.22 -5.66 14.05
CA PHE A 32 19.17 -6.55 14.51
C PHE A 32 19.53 -8.03 14.44
N GLU A 33 18.81 -8.83 15.23
CA GLU A 33 18.98 -10.28 15.21
C GLU A 33 17.63 -10.90 15.58
N GLY A 34 17.50 -12.21 15.39
CA GLY A 34 16.26 -12.89 15.75
C GLY A 34 15.76 -13.84 14.67
N TYR A 35 14.75 -14.61 15.00
CA TYR A 35 14.22 -15.55 14.03
C TYR A 35 13.86 -14.90 12.68
N CYS A 36 13.16 -13.77 12.73
CA CYS A 36 12.74 -13.10 11.48
C CYS A 36 13.92 -12.54 10.68
N LEU A 37 14.96 -12.09 11.39
CA LEU A 37 16.15 -11.62 10.68
C LEU A 37 16.83 -12.80 9.98
N ASP A 38 16.89 -13.97 10.64
CA ASP A 38 17.47 -15.14 10.01
C ASP A 38 16.61 -15.58 8.82
N LEU A 39 15.30 -15.55 8.98
CA LEU A 39 14.42 -15.91 7.87
C LEU A 39 14.62 -14.96 6.68
N LEU A 40 14.66 -13.67 6.99
CA LEU A 40 14.84 -12.63 5.94
C LEU A 40 16.15 -12.86 5.21
N LYS A 41 17.23 -13.15 5.96
CA LYS A 41 18.52 -13.43 5.33
C LYS A 41 18.40 -14.61 4.36
N GLU A 42 17.75 -15.72 4.79
CA GLU A 42 17.57 -16.87 3.91
C GLU A 42 16.74 -16.51 2.67
N LEU A 43 15.65 -15.77 2.87
CA LEU A 43 14.82 -15.37 1.75
C LEU A 43 15.63 -14.53 0.75
N SER A 44 16.42 -13.60 1.26
CA SER A 44 17.23 -12.72 0.41
C SER A 44 18.20 -13.53 -0.44
N ASN A 45 18.74 -14.60 0.15
CA ASN A 45 19.68 -15.48 -0.55
C ASN A 45 19.04 -16.40 -1.59
N ILE A 46 17.81 -16.85 -1.32
CA ILE A 46 17.12 -17.70 -2.26
C ILE A 46 16.57 -16.88 -3.42
N LEU A 47 15.93 -15.77 -3.11
CA LEU A 47 15.34 -14.93 -4.16
C LEU A 47 16.34 -14.01 -4.83
N GLY A 48 17.39 -13.66 -4.10
CA GLY A 48 18.40 -12.75 -4.62
C GLY A 48 17.95 -11.29 -4.58
N PHE A 49 17.60 -10.79 -3.40
CA PHE A 49 17.24 -9.37 -3.30
C PHE A 49 18.07 -8.67 -2.22
N LEU A 50 18.25 -7.36 -2.38
CA LEU A 50 18.91 -6.54 -1.38
C LEU A 50 17.75 -6.02 -0.53
N TYR A 51 18.00 -5.70 0.74
CA TYR A 51 16.93 -5.24 1.60
C TYR A 51 17.42 -4.30 2.70
N ASP A 52 16.48 -3.52 3.23
CA ASP A 52 16.71 -2.53 4.27
C ASP A 52 15.59 -2.71 5.30
N VAL A 53 15.96 -3.12 6.50
CA VAL A 53 14.99 -3.37 7.56
C VAL A 53 14.62 -2.06 8.25
N LYS A 54 13.33 -1.81 8.39
N LYS A 54 13.33 -1.78 8.37
CA LYS A 54 12.86 -0.60 9.03
CA LYS A 54 12.85 -0.56 9.02
C LYS A 54 11.80 -0.96 10.06
C LYS A 54 11.74 -0.83 10.04
N LEU A 55 12.05 -0.63 11.32
CA LEU A 55 11.06 -0.89 12.35
C LEU A 55 9.82 -0.05 12.06
N VAL A 56 8.64 -0.64 12.23
CA VAL A 56 7.40 0.12 11.95
C VAL A 56 7.31 1.33 12.91
N PRO A 57 7.15 2.53 12.35
CA PRO A 57 7.17 3.73 13.20
C PRO A 57 6.20 3.76 14.36
N ASP A 58 4.97 3.30 14.18
CA ASP A 58 4.01 3.36 15.28
C ASP A 58 4.08 2.16 16.21
N GLY A 59 4.97 1.24 15.93
CA GLY A 59 5.14 0.05 16.75
C GLY A 59 3.93 -0.87 16.83
N LYS A 60 3.08 -0.86 15.81
CA LYS A 60 1.88 -1.71 15.80
C LYS A 60 1.89 -2.77 14.68
N TYR A 61 1.22 -3.88 14.93
CA TYR A 61 1.10 -4.93 13.91
C TYR A 61 0.21 -4.48 12.77
N GLY A 62 -0.98 -4.02 13.10
CA GLY A 62 -1.88 -3.55 12.06
C GLY A 62 -3.35 -3.91 12.27
N ALA A 63 -4.15 -2.88 12.50
CA ALA A 63 -5.59 -3.00 12.70
C ALA A 63 -6.26 -1.79 12.04
N GLN A 64 -7.56 -1.94 11.80
N GLN A 64 -7.57 -1.84 11.82
CA GLN A 64 -8.40 -0.97 11.11
CA GLN A 64 -8.21 -0.70 11.20
C GLN A 64 -9.38 -0.22 12.01
C GLN A 64 -9.14 0.06 12.12
N ASN A 65 -9.61 1.06 11.71
N ASN A 65 -9.61 1.22 11.66
CA ASN A 65 -10.57 1.90 12.45
CA ASN A 65 -10.55 2.03 12.42
C ASN A 65 -11.93 1.89 11.78
C ASN A 65 -11.87 2.06 11.69
N ASP A 66 -12.86 2.70 12.31
CA ASP A 66 -14.20 2.77 11.72
C ASP A 66 -14.24 3.33 10.31
N LYS A 67 -13.23 4.11 9.95
CA LYS A 67 -13.16 4.72 8.62
C LYS A 67 -12.45 3.81 7.64
N GLY A 68 -12.03 2.65 8.12
CA GLY A 68 -11.34 1.71 7.26
C GLY A 68 -9.91 2.14 7.08
N GLU A 69 -9.40 2.89 8.05
CA GLU A 69 -8.02 3.34 8.02
C GLU A 69 -7.16 2.36 8.82
N TRP A 70 -6.03 1.93 8.24
CA TRP A 70 -5.15 0.99 8.90
C TRP A 70 -3.95 1.64 9.59
N ASN A 71 -3.31 0.89 10.48
CA ASN A 71 -2.10 1.35 11.14
C ASN A 71 -1.04 0.24 11.08
N GLY A 72 0.09 0.44 11.75
CA GLY A 72 1.12 -0.59 11.81
C GLY A 72 1.76 -1.04 10.51
N MET A 73 2.31 -2.26 10.55
CA MET A 73 2.98 -2.81 9.37
C MET A 73 2.02 -2.94 8.18
N VAL A 74 0.78 -3.28 8.46
CA VAL A 74 -0.22 -3.41 7.39
C VAL A 74 -0.32 -2.05 6.63
N LYS A 75 -0.43 -0.95 7.35
N LYS A 75 -0.43 -0.95 7.36
CA LYS A 75 -0.52 0.36 6.71
CA LYS A 75 -0.49 0.38 6.75
C LYS A 75 0.75 0.70 5.90
C LYS A 75 0.75 0.68 5.90
N GLU A 76 1.92 0.27 6.40
CA GLU A 76 3.18 0.51 5.65
C GLU A 76 3.08 -0.15 4.28
N LEU A 77 2.58 -1.38 4.25
CA LEU A 77 2.42 -2.10 2.98
C LEU A 77 1.39 -1.41 2.06
N ILE A 78 0.25 -1.06 2.63
CA ILE A 78 -0.84 -0.41 1.86
C ILE A 78 -0.35 0.88 1.21
N ASP A 79 0.44 1.64 1.96
CA ASP A 79 0.97 2.93 1.48
C ASP A 79 2.22 2.79 0.62
N HIS A 80 2.61 1.56 0.34
CA HIS A 80 3.82 1.24 -0.43
C HIS A 80 5.08 1.85 0.20
N ARG A 81 5.09 1.97 1.53
CA ARG A 81 6.29 2.44 2.20
C ARG A 81 7.17 1.24 2.62
N ALA A 82 6.66 0.04 2.40
CA ALA A 82 7.41 -1.20 2.66
C ALA A 82 7.04 -2.16 1.54
N ASP A 83 8.00 -2.96 1.13
CA ASP A 83 7.78 -3.97 0.08
C ASP A 83 7.35 -5.30 0.72
N LEU A 84 7.88 -5.59 1.91
CA LEU A 84 7.56 -6.78 2.63
C LEU A 84 7.43 -6.49 4.12
N ALA A 85 6.62 -7.28 4.82
CA ALA A 85 6.53 -7.25 6.29
C ALA A 85 7.01 -8.64 6.74
N VAL A 86 8.12 -8.71 7.45
CA VAL A 86 8.60 -10.02 7.92
C VAL A 86 8.61 -9.90 9.42
N ALA A 87 7.63 -10.52 10.08
CA ALA A 87 7.44 -10.40 11.50
C ALA A 87 6.46 -11.52 11.89
N PRO A 88 6.22 -11.72 13.22
CA PRO A 88 5.20 -12.68 13.63
C PRO A 88 3.83 -12.01 13.36
N LEU A 89 3.50 -11.91 12.08
CA LEU A 89 2.26 -11.25 11.57
C LEU A 89 1.23 -12.30 11.14
N THR A 90 0.10 -12.35 11.84
CA THR A 90 -0.91 -13.37 11.54
C THR A 90 -1.65 -13.15 10.25
N ILE A 91 -1.75 -14.23 9.47
CA ILE A 91 -2.49 -14.19 8.22
C ILE A 91 -3.97 -14.25 8.63
N THR A 92 -4.72 -13.17 8.33
CA THR A 92 -6.14 -13.12 8.69
C THR A 92 -7.04 -12.66 7.52
N TYR A 93 -8.30 -13.05 7.61
CA TYR A 93 -9.31 -12.66 6.63
C TYR A 93 -9.34 -11.15 6.39
N VAL A 94 -9.44 -10.36 7.47
N VAL A 94 -9.46 -10.37 7.47
CA VAL A 94 -9.55 -8.90 7.31
CA VAL A 94 -9.53 -8.91 7.33
C VAL A 94 -8.30 -8.29 6.67
C VAL A 94 -8.30 -8.34 6.63
N ARG A 95 -7.13 -8.82 7.01
CA ARG A 95 -5.87 -8.33 6.42
C ARG A 95 -5.73 -8.71 4.94
N GLU A 96 -6.18 -9.91 4.57
CA GLU A 96 -6.17 -10.36 3.17
C GLU A 96 -7.02 -9.47 2.25
N LYS A 97 -7.90 -8.65 2.82
N LYS A 97 -7.86 -8.65 2.85
CA LYS A 97 -8.67 -7.73 1.96
CA LYS A 97 -8.71 -7.71 2.14
C LYS A 97 -7.79 -6.62 1.47
C LYS A 97 -7.87 -6.56 1.59
N VAL A 98 -6.74 -6.31 2.24
CA VAL A 98 -5.93 -5.14 1.88
C VAL A 98 -4.45 -5.35 1.54
N ILE A 99 -3.91 -6.52 1.89
CA ILE A 99 -2.53 -6.87 1.58
C ILE A 99 -2.54 -8.37 1.19
N ASP A 100 -1.44 -8.85 0.60
CA ASP A 100 -1.29 -10.29 0.29
C ASP A 100 -0.31 -10.88 1.33
N PHE A 101 -0.27 -12.20 1.44
CA PHE A 101 0.63 -12.87 2.37
C PHE A 101 1.19 -14.10 1.70
N SER A 102 2.46 -14.38 1.97
CA SER A 102 3.02 -15.68 1.60
C SER A 102 2.31 -16.76 2.41
N LYS A 103 2.51 -18.03 2.02
CA LYS A 103 2.01 -19.13 2.85
C LYS A 103 2.79 -19.07 4.18
N PRO A 104 2.24 -19.69 5.23
CA PRO A 104 2.87 -19.50 6.54
C PRO A 104 4.23 -20.11 6.78
N PHE A 105 5.10 -19.37 7.47
CA PHE A 105 6.41 -19.94 7.83
C PHE A 105 6.32 -20.55 9.24
N MET A 106 5.24 -20.24 9.95
CA MET A 106 5.05 -20.80 11.27
C MET A 106 3.54 -20.93 11.51
N THR A 107 3.11 -22.03 12.12
CA THR A 107 1.69 -22.27 12.43
C THR A 107 1.60 -22.40 13.94
N LEU A 108 0.58 -21.78 14.55
CA LEU A 108 0.50 -21.78 15.99
C LEU A 108 -0.93 -21.74 16.44
N GLY A 109 -1.14 -21.83 17.74
CA GLY A 109 -2.50 -21.78 18.25
C GLY A 109 -2.48 -21.54 19.74
N ILE A 110 -3.60 -21.03 20.24
CA ILE A 110 -3.78 -20.78 21.66
C ILE A 110 -3.65 -22.08 22.41
N SER A 111 -2.95 -22.07 23.54
CA SER A 111 -2.82 -23.25 24.37
C SER A 111 -2.78 -22.83 25.83
N ILE A 112 -2.45 -23.75 26.71
CA ILE A 112 -2.46 -23.47 28.14
C ILE A 112 -1.10 -23.61 28.83
N LEU A 113 -0.75 -22.59 29.60
CA LEU A 113 0.47 -22.54 30.36
C LEU A 113 0.13 -22.74 31.83
N TYR A 114 0.71 -23.75 32.46
CA TYR A 114 0.42 -24.06 33.85
C TYR A 114 1.56 -24.82 34.50
N ARG A 115 1.46 -25.07 35.81
CA ARG A 115 2.50 -25.79 36.52
C ARG A 115 2.52 -27.27 36.13
N LYS A 116 3.66 -27.92 36.34
CA LYS A 116 3.80 -29.34 36.06
C LYS A 116 3.29 -30.14 37.24
N GLY A 117 3.17 -31.45 37.05
CA GLY A 117 2.74 -32.37 38.10
C GLY A 117 1.29 -32.34 38.54
N THR A 118 0.42 -31.68 37.78
CA THR A 118 -0.98 -31.63 38.16
C THR A 118 -1.81 -32.51 37.23
N PRO A 119 -2.96 -33.01 37.72
CA PRO A 119 -3.87 -33.85 36.94
C PRO A 119 -4.44 -33.15 35.70
N ILE A 120 -4.49 -31.81 35.72
CA ILE A 120 -5.00 -31.04 34.59
C ILE A 120 -4.37 -31.50 33.27
N ASP A 121 -5.20 -31.78 32.27
CA ASP A 121 -4.68 -32.27 31.00
C ASP A 121 -5.17 -31.48 29.78
N SER A 122 -6.32 -30.84 29.89
CA SER A 122 -6.84 -30.07 28.75
C SER A 122 -7.69 -28.88 29.19
N ALA A 123 -8.32 -28.23 28.22
CA ALA A 123 -9.16 -27.08 28.47
C ALA A 123 -10.43 -27.50 29.21
N ASP A 124 -10.87 -28.74 28.97
CA ASP A 124 -12.05 -29.27 29.64
C ASP A 124 -11.80 -29.33 31.13
N ASP A 125 -10.61 -29.81 31.50
CA ASP A 125 -10.24 -29.93 32.90
C ASP A 125 -10.23 -28.59 33.63
N LEU A 126 -10.22 -27.50 32.87
CA LEU A 126 -10.26 -26.17 33.47
C LEU A 126 -11.68 -25.63 33.50
N ALA A 127 -12.39 -25.82 32.39
CA ALA A 127 -13.76 -25.35 32.26
C ALA A 127 -14.74 -25.96 33.27
N LYS A 128 -14.58 -27.25 33.56
CA LYS A 128 -15.48 -27.94 34.49
C LYS A 128 -15.06 -27.82 35.95
N GLN A 129 -14.28 -26.78 36.26
CA GLN A 129 -13.85 -26.56 37.65
C GLN A 129 -13.63 -25.07 37.92
N THR A 130 -13.57 -24.70 39.19
CA THR A 130 -13.39 -23.30 39.57
C THR A 130 -12.29 -23.08 40.61
N LYS A 131 -11.77 -24.17 41.17
CA LYS A 131 -10.71 -24.10 42.18
C LYS A 131 -9.41 -23.56 41.61
N ILE A 132 -9.22 -23.72 40.30
CA ILE A 132 -8.04 -23.22 39.62
C ILE A 132 -8.44 -22.07 38.72
N GLU A 133 -7.92 -20.88 39.00
CA GLU A 133 -8.25 -19.70 38.19
C GLU A 133 -7.54 -19.80 36.84
N TYR A 134 -8.23 -19.33 35.81
CA TYR A 134 -7.67 -19.34 34.45
C TYR A 134 -8.21 -18.16 33.67
N GLY A 135 -7.32 -17.51 32.92
CA GLY A 135 -7.69 -16.35 32.13
C GLY A 135 -6.67 -16.10 31.04
N ALA A 136 -6.65 -14.87 30.55
CA ALA A 136 -5.73 -14.49 29.48
C ALA A 136 -5.40 -13.02 29.58
N VAL A 137 -4.41 -12.59 28.80
CA VAL A 137 -4.00 -11.20 28.75
C VAL A 137 -5.20 -10.40 28.25
N ARG A 138 -5.64 -9.46 29.06
CA ARG A 138 -6.81 -8.64 28.71
C ARG A 138 -6.66 -7.89 27.39
N ASP A 139 -7.69 -7.98 26.55
CA ASP A 139 -7.75 -7.29 25.25
C ASP A 139 -6.79 -7.79 24.15
N GLY A 140 -6.23 -8.98 24.32
CA GLY A 140 -5.31 -9.53 23.32
C GLY A 140 -6.03 -10.52 22.41
N SER A 141 -5.37 -10.95 21.34
CA SER A 141 -5.98 -11.90 20.43
C SER A 141 -6.60 -13.05 21.22
N THR A 142 -5.82 -13.66 22.11
CA THR A 142 -6.29 -14.80 22.92
C THR A 142 -7.60 -14.59 23.70
N MET A 143 -7.78 -13.41 24.30
CA MET A 143 -9.02 -13.14 25.04
C MET A 143 -10.18 -13.02 24.06
N THR A 144 -9.91 -12.32 22.97
CA THR A 144 -10.88 -12.11 21.90
C THR A 144 -11.43 -13.44 21.40
N PHE A 145 -10.55 -14.41 21.22
CA PHE A 145 -10.99 -15.72 20.77
C PHE A 145 -12.10 -16.25 21.68
N PHE A 146 -11.82 -16.31 22.98
CA PHE A 146 -12.79 -16.81 23.94
C PHE A 146 -14.03 -15.94 24.05
N LYS A 147 -13.92 -14.68 23.68
CA LYS A 147 -15.08 -13.79 23.79
C LYS A 147 -15.99 -13.93 22.56
N LYS A 148 -15.42 -14.31 21.42
CA LYS A 148 -16.23 -14.48 20.21
C LYS A 148 -16.62 -15.93 19.93
N SER A 149 -15.88 -16.87 20.52
CA SER A 149 -16.14 -18.30 20.34
C SER A 149 -17.55 -18.74 20.73
N LYS A 150 -18.16 -19.56 19.87
CA LYS A 150 -19.48 -20.11 20.14
C LYS A 150 -19.35 -21.56 20.56
N ILE A 151 -18.10 -22.04 20.59
CA ILE A 151 -17.84 -23.41 21.01
C ILE A 151 -18.23 -23.57 22.48
N SER A 152 -19.27 -24.35 22.72
CA SER A 152 -19.80 -24.60 24.06
C SER A 152 -18.81 -24.48 25.21
N THR A 153 -17.72 -25.23 25.13
CA THR A 153 -16.70 -25.23 26.18
C THR A 153 -15.93 -23.91 26.31
N TYR A 154 -15.71 -23.20 25.21
CA TYR A 154 -15.00 -21.94 25.31
C TYR A 154 -15.93 -20.79 25.72
N GLU A 155 -17.23 -21.03 25.62
CA GLU A 155 -18.21 -20.03 26.02
C GLU A 155 -18.27 -20.01 27.54
N LYS A 156 -18.09 -21.19 28.13
CA LYS A 156 -18.11 -21.34 29.57
C LYS A 156 -16.84 -20.71 30.16
N MET A 157 -15.71 -20.97 29.52
CA MET A 157 -14.43 -20.41 29.96
C MET A 157 -14.46 -18.89 29.92
N TRP A 158 -15.02 -18.32 28.85
CA TRP A 158 -15.14 -16.87 28.77
C TRP A 158 -16.08 -16.33 29.84
N ALA A 159 -17.14 -17.08 30.12
CA ALA A 159 -18.12 -16.70 31.13
C ALA A 159 -17.46 -16.76 32.50
N PHE A 160 -16.41 -17.57 32.60
CA PHE A 160 -15.67 -17.74 33.84
C PHE A 160 -14.64 -16.62 33.95
N MET A 161 -13.86 -16.43 32.90
CA MET A 161 -12.84 -15.38 32.85
C MET A 161 -13.46 -14.01 33.07
N SER A 162 -14.58 -13.75 32.40
CA SER A 162 -15.26 -12.46 32.48
C SER A 162 -15.89 -12.14 33.84
N SER A 163 -16.46 -13.15 34.50
CA SER A 163 -17.08 -12.95 35.80
C SER A 163 -16.02 -12.63 36.84
N ARG A 164 -14.78 -12.99 36.50
CA ARG A 164 -13.64 -12.76 37.38
C ARG A 164 -12.61 -11.94 36.61
N GLN A 165 -13.12 -10.97 35.84
CA GLN A 165 -12.31 -10.08 35.01
C GLN A 165 -11.17 -9.43 35.80
N GLN A 166 -11.48 -8.93 36.98
CA GLN A 166 -10.49 -8.27 37.82
C GLN A 166 -9.25 -9.11 38.13
N SER A 167 -9.43 -10.38 38.46
CA SER A 167 -8.31 -11.23 38.83
C SER A 167 -7.93 -12.37 37.87
N ALA A 168 -8.80 -12.66 36.90
CA ALA A 168 -8.50 -13.72 35.94
C ALA A 168 -7.79 -13.19 34.68
N LEU A 169 -8.17 -11.99 34.25
CA LEU A 169 -7.59 -11.38 33.06
C LEU A 169 -6.43 -10.48 33.45
N VAL A 170 -5.22 -10.89 33.06
CA VAL A 170 -4.00 -10.16 33.38
C VAL A 170 -3.70 -8.96 32.48
N LYS A 171 -2.73 -8.16 32.90
CA LYS A 171 -2.34 -6.96 32.17
C LYS A 171 -1.45 -7.29 30.98
N ASN A 172 -0.51 -8.21 31.18
CA ASN A 172 0.41 -8.63 30.12
C ASN A 172 0.98 -10.02 30.36
N SER A 173 1.69 -10.54 29.36
CA SER A 173 2.30 -11.86 29.44
C SER A 173 3.17 -12.02 30.68
N ASP A 174 4.08 -11.05 30.87
CA ASP A 174 4.97 -11.07 32.03
C ASP A 174 4.17 -11.26 33.31
N GLU A 175 3.12 -10.46 33.47
CA GLU A 175 2.25 -10.54 34.64
C GLU A 175 1.57 -11.90 34.73
N GLY A 176 1.07 -12.38 33.58
CA GLY A 176 0.38 -13.66 33.51
C GLY A 176 1.29 -14.82 33.88
N ILE A 177 2.53 -14.75 33.41
CA ILE A 177 3.52 -15.79 33.69
C ILE A 177 3.85 -15.81 35.18
N GLN A 178 4.05 -14.63 35.75
CA GLN A 178 4.36 -14.52 37.16
C GLN A 178 3.18 -15.02 38.00
N ARG A 179 1.98 -14.80 37.48
CA ARG A 179 0.75 -15.23 38.15
C ARG A 179 0.63 -16.75 38.17
N VAL A 180 1.13 -17.39 37.12
CA VAL A 180 1.09 -18.85 37.02
C VAL A 180 2.13 -19.42 37.97
N LEU A 181 3.26 -18.71 38.06
CA LEU A 181 4.38 -19.10 38.92
C LEU A 181 4.09 -18.91 40.40
N THR A 182 3.35 -17.85 40.72
CA THR A 182 3.07 -17.52 42.12
C THR A 182 1.69 -17.90 42.67
N THR A 183 0.82 -18.49 41.84
CA THR A 183 -0.52 -18.88 42.30
C THR A 183 -1.08 -20.04 41.51
N ASP A 184 -2.13 -20.68 42.03
CA ASP A 184 -2.77 -21.80 41.33
C ASP A 184 -3.56 -21.20 40.17
N TYR A 185 -2.83 -20.85 39.11
CA TYR A 185 -3.40 -20.19 37.93
C TYR A 185 -2.88 -20.73 36.61
N ALA A 186 -3.73 -20.73 35.60
CA ALA A 186 -3.38 -21.21 34.27
C ALA A 186 -3.62 -20.09 33.26
N LEU A 187 -2.63 -19.85 32.41
CA LEU A 187 -2.72 -18.78 31.43
C LEU A 187 -2.90 -19.33 30.01
N LEU A 188 -3.91 -18.81 29.32
CA LEU A 188 -4.15 -19.17 27.93
C LEU A 188 -3.34 -18.20 27.08
N MET A 189 -2.40 -18.73 26.30
N MET A 189 -2.55 -18.72 26.14
CA MET A 189 -1.55 -17.88 25.49
CA MET A 189 -1.78 -17.87 25.25
C MET A 189 -1.13 -18.67 24.26
C MET A 189 -1.20 -18.64 24.04
N GLU A 190 -0.66 -17.96 23.25
N GLU A 190 -0.68 -17.91 23.06
CA GLU A 190 -0.19 -18.61 22.03
CA GLU A 190 -0.12 -18.53 21.85
C GLU A 190 0.83 -19.70 22.31
C GLU A 190 0.96 -19.58 22.12
N SER A 191 0.78 -20.75 21.49
CA SER A 191 1.70 -21.87 21.66
C SER A 191 3.17 -21.48 21.48
N THR A 192 3.45 -20.56 20.55
CA THR A 192 4.83 -20.11 20.35
C THR A 192 5.43 -19.54 21.66
N SER A 193 4.65 -18.70 22.36
CA SER A 193 5.09 -18.10 23.62
C SER A 193 5.22 -19.12 24.74
N ILE A 194 4.27 -20.04 24.81
CA ILE A 194 4.31 -21.07 25.83
C ILE A 194 5.60 -21.86 25.64
N GLU A 195 5.89 -22.26 24.40
CA GLU A 195 7.10 -23.01 24.12
C GLU A 195 8.32 -22.21 24.56
N TYR A 196 8.30 -20.92 24.28
CA TYR A 196 9.43 -20.03 24.61
C TYR A 196 9.62 -19.94 26.12
N VAL A 197 8.51 -19.82 26.84
CA VAL A 197 8.58 -19.71 28.30
C VAL A 197 8.90 -21.05 29.01
N THR A 198 8.34 -22.15 28.50
CA THR A 198 8.61 -23.46 29.11
C THR A 198 10.06 -23.90 28.90
N GLN A 199 10.69 -23.44 27.82
CA GLN A 199 12.09 -23.78 27.60
C GLN A 199 12.95 -23.10 28.66
N ARG A 200 12.43 -22.03 29.25
CA ARG A 200 13.17 -21.23 30.23
C ARG A 200 12.71 -21.34 31.68
N ASN A 201 11.61 -22.05 31.91
CA ASN A 201 11.08 -22.27 33.26
C ASN A 201 10.71 -23.74 33.38
N CYS A 202 11.56 -24.51 34.04
CA CYS A 202 11.31 -25.95 34.19
C CYS A 202 10.12 -26.26 35.12
N ASN A 203 9.59 -25.22 35.76
CA ASN A 203 8.46 -25.40 36.65
C ASN A 203 7.13 -25.27 35.90
N LEU A 204 7.21 -24.71 34.69
CA LEU A 204 6.04 -24.51 33.84
C LEU A 204 5.96 -25.49 32.68
N THR A 205 4.74 -25.72 32.20
CA THR A 205 4.51 -26.63 31.11
C THR A 205 3.25 -26.27 30.35
N GLN A 206 3.16 -26.76 29.12
CA GLN A 206 1.99 -26.53 28.30
C GLN A 206 0.96 -27.59 28.68
N ILE A 207 -0.31 -27.21 28.68
CA ILE A 207 -1.39 -28.13 29.00
C ILE A 207 -2.32 -28.23 27.79
N GLY A 208 -2.58 -29.46 27.35
CA GLY A 208 -3.46 -29.70 26.22
C GLY A 208 -2.82 -29.32 24.91
N GLY A 209 -3.62 -29.35 23.85
CA GLY A 209 -3.11 -29.02 22.54
C GLY A 209 -3.51 -27.62 22.11
N LEU A 210 -3.55 -27.41 20.80
CA LEU A 210 -3.90 -26.11 20.25
C LEU A 210 -5.39 -25.88 20.34
N ILE A 211 -5.78 -24.71 20.80
CA ILE A 211 -7.20 -24.35 20.94
C ILE A 211 -7.76 -23.77 19.65
N ASP A 212 -6.92 -23.05 18.90
CA ASP A 212 -7.32 -22.53 17.61
C ASP A 212 -6.11 -22.73 16.68
N SER A 213 -6.19 -22.23 15.45
CA SER A 213 -5.09 -22.41 14.52
C SER A 213 -4.94 -21.24 13.58
N LYS A 214 -3.69 -20.82 13.37
CA LYS A 214 -3.41 -19.69 12.50
C LYS A 214 -1.95 -19.73 12.14
N GLY A 215 -1.56 -18.97 11.13
CA GLY A 215 -0.17 -18.93 10.74
C GLY A 215 0.38 -17.53 10.55
N TYR A 216 1.69 -17.41 10.67
CA TYR A 216 2.42 -16.18 10.42
C TYR A 216 2.90 -16.25 8.97
N GLY A 217 2.68 -15.19 8.20
CA GLY A 217 3.15 -15.15 6.84
C GLY A 217 3.84 -13.82 6.57
N VAL A 218 4.59 -13.78 5.47
CA VAL A 218 5.26 -12.55 5.08
C VAL A 218 4.22 -11.70 4.32
N GLY A 219 4.03 -10.47 4.78
CA GLY A 219 3.04 -9.58 4.13
C GLY A 219 3.65 -8.80 2.95
N THR A 220 2.82 -8.57 1.91
CA THR A 220 3.23 -7.76 0.77
C THR A 220 2.03 -6.92 0.32
N PRO A 221 2.29 -5.88 -0.48
CA PRO A 221 1.10 -5.19 -0.99
C PRO A 221 0.37 -6.11 -1.95
N ILE A 222 -0.90 -5.82 -2.19
CA ILE A 222 -1.70 -6.63 -3.10
C ILE A 222 -1.05 -6.63 -4.48
N GLY A 223 -0.92 -7.81 -5.08
CA GLY A 223 -0.31 -7.93 -6.42
C GLY A 223 1.22 -8.02 -6.45
N SER A 224 1.90 -7.94 -5.28
CA SER A 224 3.36 -8.01 -5.27
C SER A 224 3.88 -9.28 -5.95
N PRO A 225 4.85 -9.13 -6.88
CA PRO A 225 5.41 -10.31 -7.55
C PRO A 225 6.34 -11.09 -6.65
N TYR A 226 6.58 -10.63 -5.41
CA TYR A 226 7.45 -11.36 -4.47
C TYR A 226 6.72 -12.39 -3.61
N ARG A 227 5.40 -12.24 -3.47
CA ARG A 227 4.62 -13.13 -2.61
C ARG A 227 4.76 -14.62 -2.89
N ASP A 228 4.45 -15.04 -4.11
CA ASP A 228 4.57 -16.45 -4.45
C ASP A 228 6.02 -16.92 -4.41
N LYS A 229 6.97 -16.05 -4.75
CA LYS A 229 8.39 -16.46 -4.67
C LYS A 229 8.76 -16.74 -3.21
N ILE A 230 8.27 -15.88 -2.33
CA ILE A 230 8.53 -16.05 -0.90
C ILE A 230 7.88 -17.37 -0.39
N THR A 231 6.65 -17.66 -0.81
CA THR A 231 6.05 -18.95 -0.47
C THR A 231 6.96 -20.12 -0.88
N ILE A 232 7.47 -20.06 -2.11
N ILE A 232 7.47 -20.10 -2.10
CA ILE A 232 8.37 -21.09 -2.64
CA ILE A 232 8.35 -21.20 -2.56
C ILE A 232 9.58 -21.27 -1.73
C ILE A 232 9.64 -21.29 -1.75
N ALA A 233 10.22 -20.15 -1.39
CA ALA A 233 11.40 -20.15 -0.56
C ALA A 233 11.07 -20.73 0.81
N ILE A 234 9.93 -20.33 1.36
CA ILE A 234 9.47 -20.87 2.66
C ILE A 234 9.31 -22.39 2.61
N LEU A 235 8.67 -22.89 1.56
CA LEU A 235 8.51 -24.34 1.43
C LEU A 235 9.87 -25.07 1.40
N GLN A 236 10.80 -24.51 0.63
N GLN A 236 10.82 -24.51 0.65
CA GLN A 236 12.14 -25.08 0.52
CA GLN A 236 12.15 -25.12 0.56
C GLN A 236 12.82 -25.17 1.90
C GLN A 236 12.79 -25.19 1.94
N LEU A 237 12.75 -24.06 2.65
CA LEU A 237 13.33 -23.97 3.98
C LEU A 237 12.68 -24.97 4.93
N GLN A 238 11.37 -25.12 4.79
N GLN A 238 11.36 -25.14 4.82
CA GLN A 238 10.58 -26.04 5.58
CA GLN A 238 10.69 -26.09 5.70
C GLN A 238 11.03 -27.47 5.32
C GLN A 238 11.10 -27.50 5.33
N GLU A 239 11.03 -27.82 4.04
CA GLU A 239 11.36 -29.16 3.60
C GLU A 239 12.78 -29.59 3.91
N GLU A 240 13.72 -28.66 3.85
N GLU A 240 13.69 -28.61 3.85
CA GLU A 240 15.11 -29.03 4.12
CA GLU A 240 15.12 -28.82 4.11
C GLU A 240 15.44 -29.03 5.61
C GLU A 240 15.48 -28.81 5.60
N GLY A 241 14.46 -28.68 6.44
CA GLY A 241 14.62 -28.67 7.89
C GLY A 241 15.22 -27.39 8.42
N LYS A 242 15.32 -26.36 7.58
CA LYS A 242 15.92 -25.09 8.00
C LYS A 242 15.07 -24.28 8.93
N LEU A 243 13.73 -24.32 8.75
CA LEU A 243 12.83 -23.60 9.65
C LEU A 243 12.89 -24.25 11.03
N HIS A 244 13.00 -25.58 11.07
CA HIS A 244 13.11 -26.26 12.35
C HIS A 244 14.39 -25.78 13.08
N MET A 245 15.51 -25.79 12.40
N MET A 245 15.49 -25.72 12.34
CA MET A 245 16.77 -25.38 13.05
CA MET A 245 16.78 -25.29 12.92
C MET A 245 16.79 -23.90 13.41
C MET A 245 16.65 -23.88 13.48
N MET A 246 16.01 -23.11 12.68
N MET A 246 16.17 -22.96 12.64
CA MET A 246 15.89 -21.67 12.90
CA MET A 246 15.98 -21.57 13.05
C MET A 246 15.05 -21.48 14.16
C MET A 246 15.06 -21.48 14.27
N LYS A 247 14.00 -22.28 14.30
CA LYS A 247 13.14 -22.23 15.48
C LYS A 247 13.94 -22.71 16.71
N GLU A 248 14.63 -23.84 16.58
N GLU A 248 14.65 -23.81 16.54
CA GLU A 248 15.44 -24.34 17.70
CA GLU A 248 15.44 -24.36 17.63
C GLU A 248 16.50 -23.35 18.16
C GLU A 248 16.49 -23.37 18.14
N LYS A 249 17.14 -22.70 17.19
CA LYS A 249 18.17 -21.71 17.48
C LYS A 249 17.67 -20.66 18.48
N TRP A 250 16.46 -20.16 18.22
CA TRP A 250 15.89 -19.08 19.04
C TRP A 250 15.08 -19.53 20.26
N TRP A 251 14.39 -20.65 20.15
CA TRP A 251 13.55 -21.13 21.25
C TRP A 251 14.23 -21.98 22.32
N ARG A 252 15.19 -22.82 21.93
CA ARG A 252 15.87 -23.70 22.87
C ARG A 252 16.43 -22.97 24.11
N GLY A 253 16.11 -23.48 25.30
CA GLY A 253 16.62 -22.90 26.54
C GLY A 253 17.57 -23.87 27.22
N ASN A 254 17.59 -23.85 28.56
CA ASN A 254 18.47 -24.73 29.33
C ASN A 254 17.72 -25.92 29.95
N ARG B 4 -26.99 10.37 0.42
CA ARG B 4 -26.61 10.39 -1.02
C ARG B 4 -25.24 9.78 -1.29
N THR B 5 -25.23 8.61 -1.91
CA THR B 5 -23.97 7.99 -2.31
C THR B 5 -23.60 8.67 -3.61
N LEU B 6 -22.46 9.35 -3.61
CA LEU B 6 -22.04 10.06 -4.79
C LEU B 6 -21.53 9.14 -5.87
N ILE B 7 -21.91 9.44 -7.10
CA ILE B 7 -21.41 8.67 -8.23
C ILE B 7 -20.18 9.39 -8.72
N VAL B 8 -19.05 8.68 -8.78
CA VAL B 8 -17.81 9.29 -9.21
C VAL B 8 -17.39 8.73 -10.54
N THR B 9 -17.33 9.60 -11.54
CA THR B 9 -16.87 9.15 -12.87
C THR B 9 -15.36 9.26 -12.88
N THR B 10 -14.72 8.30 -13.56
CA THR B 10 -13.27 8.34 -13.64
C THR B 10 -12.84 7.60 -14.92
N ILE B 11 -11.54 7.47 -15.15
CA ILE B 11 -11.08 6.86 -16.39
C ILE B 11 -9.82 6.06 -16.10
N LEU B 12 -9.61 4.93 -16.78
CA LEU B 12 -8.38 4.17 -16.55
C LEU B 12 -7.18 4.94 -17.07
N GLU B 13 -6.20 5.21 -16.19
CA GLU B 13 -5.03 5.95 -16.64
C GLU B 13 -3.94 5.70 -15.59
N GLU B 14 -2.85 5.04 -15.97
CA GLU B 14 -1.79 4.74 -15.02
C GLU B 14 -1.00 6.00 -14.63
N PRO B 15 -0.66 6.18 -13.34
CA PRO B 15 -0.97 5.39 -12.15
C PRO B 15 -2.13 6.01 -11.40
N TYR B 16 -2.98 6.79 -12.07
CA TYR B 16 -4.11 7.40 -11.37
C TYR B 16 -5.24 6.45 -11.05
N VAL B 17 -5.61 5.62 -12.01
CA VAL B 17 -6.74 4.69 -11.84
C VAL B 17 -6.40 3.42 -12.58
N MET B 18 -6.35 2.33 -11.83
N MET B 18 -6.40 2.32 -11.83
CA MET B 18 -6.05 1.02 -12.44
CA MET B 18 -6.04 1.03 -12.41
C MET B 18 -6.87 -0.05 -11.74
C MET B 18 -6.83 -0.07 -11.71
N TYR B 19 -7.04 -1.18 -12.41
CA TYR B 19 -7.69 -2.31 -11.79
C TYR B 19 -6.59 -2.94 -10.90
N ARG B 20 -7.01 -3.47 -9.76
N ARG B 20 -6.93 -3.35 -9.67
CA ARG B 20 -6.10 -4.14 -8.83
CA ARG B 20 -5.90 -3.94 -8.76
C ARG B 20 -5.51 -5.38 -9.51
C ARG B 20 -5.55 -5.32 -9.31
N LYS B 21 -4.26 -5.69 -9.23
CA LYS B 21 -3.71 -6.94 -9.79
C LYS B 21 -4.07 -8.01 -8.78
N SER B 22 -5.34 -8.39 -8.77
CA SER B 22 -5.81 -9.39 -7.81
C SER B 22 -7.05 -10.15 -8.28
N ASP B 23 -7.13 -11.45 -7.92
CA ASP B 23 -8.31 -12.27 -8.18
C ASP B 23 -9.11 -12.48 -6.88
N LYS B 24 -8.75 -11.74 -5.82
CA LYS B 24 -9.49 -11.81 -4.55
C LYS B 24 -10.89 -11.24 -4.78
N PRO B 25 -11.84 -11.58 -3.89
CA PRO B 25 -13.22 -11.09 -4.07
C PRO B 25 -13.28 -9.59 -3.74
N LEU B 26 -13.03 -8.76 -4.73
CA LEU B 26 -13.03 -7.30 -4.56
C LEU B 26 -14.23 -6.80 -5.35
N TYR B 27 -15.01 -5.92 -4.76
CA TYR B 27 -16.21 -5.48 -5.47
C TYR B 27 -16.29 -3.97 -5.38
N GLY B 28 -17.10 -3.37 -6.24
CA GLY B 28 -17.28 -1.94 -6.18
C GLY B 28 -15.98 -1.18 -6.23
N ASN B 29 -15.84 -0.19 -5.35
CA ASN B 29 -14.64 0.64 -5.33
C ASN B 29 -13.35 -0.13 -5.11
N ASP B 30 -13.49 -1.28 -4.45
CA ASP B 30 -12.31 -2.09 -4.09
C ASP B 30 -11.59 -2.73 -5.30
N ARG B 31 -12.25 -2.71 -6.43
CA ARG B 31 -11.69 -3.27 -7.66
C ARG B 31 -10.56 -2.41 -8.23
N PHE B 32 -10.49 -1.17 -7.75
CA PHE B 32 -9.55 -0.15 -8.26
C PHE B 32 -8.49 0.30 -7.29
N GLU B 33 -7.39 0.83 -7.83
CA GLU B 33 -6.33 1.40 -7.01
C GLU B 33 -5.69 2.53 -7.83
N GLY B 34 -4.85 3.33 -7.19
CA GLY B 34 -4.17 4.40 -7.91
C GLY B 34 -4.25 5.72 -7.17
N TYR B 35 -3.49 6.69 -7.66
CA TYR B 35 -3.45 7.98 -7.02
C TYR B 35 -4.84 8.60 -6.83
N CYS B 36 -5.66 8.52 -7.86
CA CYS B 36 -7.02 9.13 -7.75
C CYS B 36 -7.93 8.36 -6.81
N LEU B 37 -7.72 7.05 -6.69
CA LEU B 37 -8.52 6.29 -5.72
C LEU B 37 -8.10 6.68 -4.30
N ASP B 38 -6.79 6.88 -4.08
CA ASP B 38 -6.31 7.31 -2.78
C ASP B 38 -6.83 8.71 -2.47
N LEU B 39 -6.77 9.60 -3.45
CA LEU B 39 -7.30 10.96 -3.25
C LEU B 39 -8.78 10.93 -2.89
N LEU B 40 -9.55 10.14 -3.64
CA LEU B 40 -11.00 10.03 -3.41
C LEU B 40 -11.28 9.49 -2.00
N LYS B 41 -10.51 8.48 -1.58
CA LYS B 41 -10.69 7.96 -0.22
C LYS B 41 -10.45 9.07 0.82
N GLU B 42 -9.38 9.86 0.67
CA GLU B 42 -9.13 10.97 1.61
C GLU B 42 -10.26 12.01 1.58
N LEU B 43 -10.71 12.36 0.40
CA LEU B 43 -11.80 13.32 0.26
C LEU B 43 -13.05 12.79 0.97
N SER B 44 -13.37 11.52 0.74
CA SER B 44 -14.57 10.91 1.35
C SER B 44 -14.47 10.99 2.87
N ASN B 45 -13.26 10.83 3.40
CA ASN B 45 -13.04 10.89 4.84
C ASN B 45 -13.06 12.29 5.43
N ILE B 46 -12.60 13.28 4.69
CA ILE B 46 -12.64 14.65 5.18
C ILE B 46 -14.05 15.20 5.09
N LEU B 47 -14.70 15.00 3.95
CA LEU B 47 -16.06 15.52 3.75
C LEU B 47 -17.15 14.68 4.37
N GLY B 48 -16.90 13.39 4.48
CA GLY B 48 -17.88 12.47 5.03
C GLY B 48 -18.94 12.10 4.01
N PHE B 49 -18.54 11.52 2.87
CA PHE B 49 -19.51 11.06 1.89
C PHE B 49 -19.28 9.61 1.50
N LEU B 50 -20.35 8.95 1.07
CA LEU B 50 -20.25 7.60 0.54
C LEU B 50 -20.12 7.81 -0.96
N TYR B 51 -19.48 6.87 -1.66
CA TYR B 51 -19.29 7.01 -3.10
C TYR B 51 -19.23 5.67 -3.84
N ASP B 52 -19.50 5.74 -5.14
N ASP B 52 -19.56 5.73 -5.13
CA ASP B 52 -19.54 4.60 -6.06
CA ASP B 52 -19.52 4.58 -6.05
C ASP B 52 -18.76 5.02 -7.31
C ASP B 52 -18.73 5.05 -7.26
N VAL B 53 -17.62 4.38 -7.53
CA VAL B 53 -16.77 4.70 -8.67
C VAL B 53 -17.30 4.04 -9.92
N LYS B 54 -17.45 4.81 -11.00
N LYS B 54 -17.44 4.83 -10.98
CA LYS B 54 -17.95 4.27 -12.26
CA LYS B 54 -17.90 4.30 -12.26
C LYS B 54 -17.10 4.74 -13.44
C LYS B 54 -16.97 4.78 -13.36
N LEU B 55 -16.37 3.82 -14.06
CA LEU B 55 -15.52 4.17 -15.20
C LEU B 55 -16.39 4.83 -16.27
N VAL B 56 -15.91 5.90 -16.90
CA VAL B 56 -16.72 6.59 -17.91
C VAL B 56 -17.00 5.62 -19.07
N PRO B 57 -18.26 5.45 -19.46
CA PRO B 57 -18.56 4.45 -20.49
C PRO B 57 -17.85 4.60 -21.81
N ASP B 58 -17.70 5.82 -22.31
CA ASP B 58 -17.05 5.97 -23.60
C ASP B 58 -15.53 6.03 -23.52
N GLY B 59 -14.99 5.98 -22.31
CA GLY B 59 -13.55 6.03 -22.10
C GLY B 59 -12.86 7.31 -22.52
N LYS B 60 -13.58 8.42 -22.55
CA LYS B 60 -13.01 9.71 -22.93
C LYS B 60 -12.97 10.74 -21.79
N TYR B 61 -12.03 11.66 -21.84
CA TYR B 61 -11.92 12.74 -20.83
C TYR B 61 -13.06 13.72 -21.00
N GLY B 62 -13.24 14.23 -22.21
CA GLY B 62 -14.31 15.19 -22.42
C GLY B 62 -13.98 16.33 -23.35
N ALA B 63 -14.61 16.29 -24.51
CA ALA B 63 -14.46 17.32 -25.55
C ALA B 63 -15.82 17.56 -26.20
N GLN B 64 -15.93 18.70 -26.86
N GLN B 64 -16.00 18.65 -26.92
CA GLN B 64 -17.17 19.17 -27.50
CA GLN B 64 -17.30 18.87 -27.53
C GLN B 64 -17.16 19.12 -29.02
C GLN B 64 -17.27 18.77 -29.04
N ASN B 65 -18.35 18.93 -29.61
N ASN B 65 -18.44 18.88 -29.66
CA ASN B 65 -18.53 18.90 -31.07
CA ASN B 65 -18.55 18.85 -31.11
C ASN B 65 -19.02 20.23 -31.61
C ASN B 65 -19.13 20.16 -31.61
N ASP B 66 -19.20 20.30 -32.93
CA ASP B 66 -19.69 21.53 -33.55
C ASP B 66 -21.08 21.93 -33.07
N LYS B 67 -21.82 20.97 -32.51
CA LYS B 67 -23.16 21.24 -32.02
C LYS B 67 -23.16 21.57 -30.55
N GLY B 68 -21.97 21.66 -29.97
N GLY B 68 -21.97 21.61 -29.97
CA GLY B 68 -21.86 21.98 -28.55
CA GLY B 68 -21.82 21.91 -28.56
C GLY B 68 -22.28 20.76 -27.77
C GLY B 68 -21.84 20.65 -27.72
N GLU B 69 -21.92 19.59 -28.29
N GLU B 69 -22.40 19.58 -28.26
CA GLU B 69 -22.25 18.33 -27.68
CA GLU B 69 -22.48 18.31 -27.53
C GLU B 69 -21.00 17.79 -27.00
C GLU B 69 -21.12 17.82 -27.01
N TRP B 70 -21.10 17.46 -25.72
CA TRP B 70 -19.92 16.95 -25.02
C TRP B 70 -19.90 15.44 -24.91
N ASN B 71 -18.73 14.89 -24.65
CA ASN B 71 -18.59 13.45 -24.42
C ASN B 71 -17.77 13.24 -23.15
N GLY B 72 -17.38 12.00 -22.88
CA GLY B 72 -16.56 11.67 -21.72
C GLY B 72 -17.05 12.01 -20.32
N MET B 73 -16.12 12.16 -19.40
CA MET B 73 -16.48 12.48 -18.02
C MET B 73 -17.23 13.81 -17.91
N VAL B 74 -16.84 14.77 -18.75
CA VAL B 74 -17.51 16.07 -18.76
C VAL B 74 -19.02 15.87 -19.05
N LYS B 75 -19.34 15.05 -20.04
N LYS B 75 -19.37 15.08 -20.06
CA LYS B 75 -20.73 14.78 -20.40
CA LYS B 75 -20.79 14.82 -20.35
C LYS B 75 -21.47 14.09 -19.24
C LYS B 75 -21.48 14.13 -19.18
N GLU B 76 -20.79 13.19 -18.52
CA GLU B 76 -21.40 12.52 -17.36
C GLU B 76 -21.83 13.55 -16.32
N LEU B 77 -20.97 14.52 -16.05
CA LEU B 77 -21.31 15.59 -15.10
C LEU B 77 -22.47 16.48 -15.62
N ILE B 78 -22.40 16.90 -16.88
CA ILE B 78 -23.46 17.77 -17.47
C ILE B 78 -24.82 17.10 -17.38
N ASP B 79 -24.83 15.79 -17.62
CA ASP B 79 -26.08 15.01 -17.60
C ASP B 79 -26.52 14.57 -16.21
N HIS B 80 -25.76 14.98 -15.20
CA HIS B 80 -25.99 14.62 -13.82
C HIS B 80 -25.97 13.09 -13.62
N ARG B 81 -25.16 12.40 -14.43
CA ARG B 81 -25.01 10.97 -14.24
C ARG B 81 -23.81 10.69 -13.32
N ALA B 82 -23.10 11.74 -12.94
CA ALA B 82 -21.99 11.63 -12.00
C ALA B 82 -22.03 12.88 -11.14
N ASP B 83 -21.67 12.72 -9.87
CA ASP B 83 -21.63 13.88 -8.97
C ASP B 83 -20.25 14.54 -9.00
N LEU B 84 -19.21 13.72 -9.17
CA LEU B 84 -17.84 14.20 -9.22
C LEU B 84 -17.08 13.45 -10.30
N ALA B 85 -16.05 14.09 -10.86
CA ALA B 85 -15.11 13.43 -11.78
C ALA B 85 -13.76 13.52 -11.05
N VAL B 86 -13.19 12.38 -10.66
CA VAL B 86 -11.88 12.41 -9.99
C VAL B 86 -10.94 11.62 -10.89
N ALA B 87 -10.10 12.34 -11.62
CA ALA B 87 -9.23 11.77 -12.61
C ALA B 87 -8.18 12.83 -12.97
N PRO B 88 -7.17 12.47 -13.80
CA PRO B 88 -6.23 13.48 -14.29
C PRO B 88 -6.94 14.31 -15.35
N LEU B 89 -7.89 15.14 -14.90
CA LEU B 89 -8.76 15.97 -15.75
C LEU B 89 -8.34 17.42 -15.67
N THR B 90 -7.89 17.96 -16.80
CA THR B 90 -7.37 19.35 -16.82
C THR B 90 -8.42 20.41 -16.67
N ILE B 91 -8.16 21.36 -15.77
CA ILE B 91 -9.06 22.51 -15.60
C ILE B 91 -8.80 23.42 -16.81
N THR B 92 -9.81 23.60 -17.67
CA THR B 92 -9.68 24.44 -18.86
C THR B 92 -10.84 25.45 -19.00
N TYR B 93 -10.56 26.52 -19.70
CA TYR B 93 -11.53 27.59 -20.02
C TYR B 93 -12.81 26.99 -20.62
N VAL B 94 -12.66 26.16 -21.65
CA VAL B 94 -13.86 25.63 -22.32
C VAL B 94 -14.71 24.73 -21.41
N ARG B 95 -14.04 23.95 -20.56
CA ARG B 95 -14.76 23.05 -19.65
C ARG B 95 -15.45 23.82 -18.54
N GLU B 96 -14.81 24.91 -18.08
CA GLU B 96 -15.42 25.79 -17.04
C GLU B 96 -16.72 26.44 -17.50
N LYS B 97 -16.99 26.38 -18.80
N LYS B 97 -16.99 26.43 -18.81
CA LYS B 97 -18.22 26.93 -19.36
CA LYS B 97 -18.25 26.98 -19.33
C LYS B 97 -19.39 26.00 -19.06
C LYS B 97 -19.40 26.02 -19.00
N VAL B 98 -19.08 24.73 -18.84
CA VAL B 98 -20.14 23.74 -18.65
C VAL B 98 -20.15 22.91 -17.36
N ILE B 99 -19.04 22.91 -16.63
CA ILE B 99 -18.93 22.20 -15.35
C ILE B 99 -18.10 23.10 -14.41
N ASP B 100 -18.09 22.80 -13.12
CA ASP B 100 -17.23 23.52 -12.16
C ASP B 100 -16.04 22.59 -11.84
N PHE B 101 -14.98 23.14 -11.23
CA PHE B 101 -13.84 22.35 -10.83
C PHE B 101 -13.35 22.82 -9.48
N SER B 102 -12.88 21.89 -8.66
CA SER B 102 -12.18 22.28 -7.45
C SER B 102 -10.84 22.90 -7.87
N LYS B 103 -10.16 23.56 -6.92
CA LYS B 103 -8.82 24.05 -7.19
C LYS B 103 -7.93 22.84 -7.46
N PRO B 104 -6.80 23.05 -8.11
CA PRO B 104 -6.04 21.85 -8.52
C PRO B 104 -5.36 21.01 -7.45
N PHE B 105 -5.40 19.68 -7.62
CA PHE B 105 -4.68 18.81 -6.68
C PHE B 105 -3.29 18.48 -7.24
N MET B 106 -3.08 18.81 -8.52
CA MET B 106 -1.78 18.61 -9.14
C MET B 106 -1.60 19.68 -10.23
N THR B 107 -0.38 20.21 -10.35
CA THR B 107 -0.08 21.23 -11.36
C THR B 107 1.03 20.65 -12.21
N LEU B 108 0.94 20.81 -13.52
CA LEU B 108 1.88 20.18 -14.41
C LEU B 108 2.09 21.01 -15.66
N GLY B 109 3.02 20.59 -16.49
CA GLY B 109 3.27 21.33 -17.71
C GLY B 109 4.06 20.48 -18.68
N ILE B 110 3.94 20.81 -19.96
CA ILE B 110 4.70 20.13 -21.00
C ILE B 110 6.17 20.30 -20.74
N SER B 111 6.96 19.24 -20.92
CA SER B 111 8.41 19.33 -20.71
C SER B 111 9.10 18.40 -21.71
N ILE B 112 10.40 18.20 -21.56
CA ILE B 112 11.17 17.38 -22.49
C ILE B 112 11.79 16.11 -21.89
N LEU B 113 11.56 15.00 -22.59
CA LEU B 113 12.09 13.68 -22.23
C LEU B 113 13.20 13.33 -23.20
N TYR B 114 14.40 13.11 -22.68
CA TYR B 114 15.53 12.81 -23.54
C TYR B 114 16.58 12.03 -22.75
N ARG B 115 17.63 11.59 -23.45
CA ARG B 115 18.69 10.83 -22.81
C ARG B 115 19.50 11.72 -21.87
N LYS B 116 20.24 11.09 -20.96
CA LYS B 116 21.10 11.84 -20.04
C LYS B 116 22.47 12.04 -20.68
N GLY B 117 23.32 12.81 -20.00
CA GLY B 117 24.70 13.07 -20.45
C GLY B 117 24.91 13.85 -21.72
N THR B 118 23.93 14.67 -22.10
CA THR B 118 24.06 15.48 -23.31
C THR B 118 24.05 16.95 -22.93
N PRO B 119 24.71 17.80 -23.74
CA PRO B 119 24.77 19.24 -23.52
C PRO B 119 23.41 19.92 -23.57
N ILE B 120 22.44 19.31 -24.26
CA ILE B 120 21.08 19.86 -24.38
C ILE B 120 20.50 20.16 -23.00
N ASP B 121 20.12 21.40 -22.76
CA ASP B 121 19.61 21.79 -21.46
C ASP B 121 18.24 22.47 -21.48
N SER B 122 17.64 22.63 -22.65
CA SER B 122 16.31 23.26 -22.72
C SER B 122 15.68 23.17 -24.10
N ALA B 123 14.52 23.79 -24.24
CA ALA B 123 13.79 23.83 -25.49
C ALA B 123 14.58 24.67 -26.49
N ASP B 124 15.19 25.76 -26.02
CA ASP B 124 16.00 26.61 -26.90
C ASP B 124 17.10 25.77 -27.55
N ASP B 125 17.73 24.92 -26.75
CA ASP B 125 18.79 24.05 -27.24
C ASP B 125 18.30 23.09 -28.31
N LEU B 126 16.99 22.83 -28.35
CA LEU B 126 16.44 21.95 -29.38
C LEU B 126 16.03 22.73 -30.62
N ALA B 127 15.37 23.85 -30.40
CA ALA B 127 14.88 24.70 -31.50
C ALA B 127 15.97 25.32 -32.39
N LYS B 128 17.19 25.43 -31.89
CA LYS B 128 18.27 26.03 -32.68
C LYS B 128 19.19 25.00 -33.35
N GLN B 129 18.75 23.74 -33.37
CA GLN B 129 19.51 22.67 -34.00
C GLN B 129 18.55 21.72 -34.72
N THR B 130 19.09 20.88 -35.59
CA THR B 130 18.25 19.95 -36.36
C THR B 130 18.74 18.49 -36.35
N LYS B 131 19.94 18.26 -35.85
CA LYS B 131 20.51 16.91 -35.80
C LYS B 131 19.71 15.97 -34.90
N ILE B 132 19.14 16.54 -33.84
CA ILE B 132 18.32 15.76 -32.89
C ILE B 132 16.85 15.95 -33.24
N GLU B 133 16.18 14.85 -33.60
CA GLU B 133 14.76 14.92 -33.94
C GLU B 133 13.97 15.11 -32.65
N TYR B 134 12.96 15.97 -32.71
CA TYR B 134 12.10 16.22 -31.56
C TYR B 134 10.67 16.44 -32.03
N GLY B 135 9.73 15.81 -31.33
CA GLY B 135 8.33 15.90 -31.69
C GLY B 135 7.44 15.59 -30.50
N ALA B 136 6.22 15.15 -30.79
CA ALA B 136 5.28 14.83 -29.74
C ALA B 136 4.29 13.81 -30.25
N VAL B 137 3.44 13.32 -29.34
CA VAL B 137 2.41 12.38 -29.71
C VAL B 137 1.45 13.14 -30.62
N ARG B 138 1.25 12.62 -31.82
CA ARG B 138 0.39 13.28 -32.79
C ARG B 138 -1.05 13.50 -32.33
N ASP B 139 -1.51 14.76 -32.42
CA ASP B 139 -2.89 15.16 -32.07
C ASP B 139 -3.22 15.13 -30.57
N GLY B 140 -2.20 15.21 -29.71
CA GLY B 140 -2.42 15.20 -28.27
C GLY B 140 -2.35 16.65 -27.79
N SER B 141 -2.73 16.89 -26.55
CA SER B 141 -2.69 18.23 -26.02
C SER B 141 -1.32 18.86 -26.26
N THR B 142 -0.26 18.07 -26.13
CA THR B 142 1.10 18.60 -26.29
C THR B 142 1.43 19.12 -27.71
N MET B 143 1.02 18.37 -28.73
CA MET B 143 1.26 18.80 -30.10
C MET B 143 0.45 20.05 -30.35
N THR B 144 -0.82 19.99 -29.95
CA THR B 144 -1.75 21.09 -30.09
C THR B 144 -1.14 22.38 -29.55
N PHE B 145 -0.57 22.31 -28.36
CA PHE B 145 0.07 23.49 -27.76
C PHE B 145 1.04 24.14 -28.75
N PHE B 146 2.02 23.36 -29.21
CA PHE B 146 3.00 23.88 -30.17
C PHE B 146 2.36 24.37 -31.45
N LYS B 147 1.22 23.79 -31.80
CA LYS B 147 0.54 24.18 -33.02
C LYS B 147 -0.17 25.53 -32.89
N LYS B 148 -0.70 25.81 -31.71
CA LYS B 148 -1.41 27.09 -31.47
C LYS B 148 -0.53 28.21 -30.90
N SER B 149 0.59 27.83 -30.30
CA SER B 149 1.52 28.80 -29.70
C SER B 149 2.02 29.91 -30.65
N LYS B 150 2.00 31.14 -30.15
CA LYS B 150 2.50 32.29 -30.89
C LYS B 150 3.86 32.65 -30.33
N ILE B 151 4.37 31.81 -29.42
CA ILE B 151 5.68 32.05 -28.82
C ILE B 151 6.78 31.68 -29.83
N SER B 152 7.51 32.70 -30.28
CA SER B 152 8.59 32.55 -31.25
C SER B 152 9.30 31.20 -31.29
N THR B 153 9.85 30.79 -30.15
CA THR B 153 10.58 29.53 -30.08
C THR B 153 9.70 28.28 -30.22
N TYR B 154 8.44 28.35 -29.81
CA TYR B 154 7.59 27.18 -29.95
C TYR B 154 7.00 27.14 -31.37
N GLU B 155 7.09 28.26 -32.08
CA GLU B 155 6.62 28.35 -33.45
C GLU B 155 7.63 27.66 -34.36
N LYS B 156 8.90 27.85 -34.02
CA LYS B 156 10.00 27.26 -34.78
C LYS B 156 10.03 25.75 -34.52
N MET B 157 9.79 25.34 -33.27
CA MET B 157 9.77 23.93 -32.94
C MET B 157 8.64 23.24 -33.69
N TRP B 158 7.46 23.87 -33.72
CA TRP B 158 6.33 23.30 -34.44
C TRP B 158 6.62 23.24 -35.95
N ALA B 159 7.40 24.21 -36.43
CA ALA B 159 7.77 24.26 -37.83
C ALA B 159 8.67 23.08 -38.14
N PHE B 160 9.45 22.67 -37.15
CA PHE B 160 10.35 21.53 -37.29
C PHE B 160 9.57 20.22 -37.18
N MET B 161 8.75 20.12 -36.13
CA MET B 161 7.93 18.94 -35.91
C MET B 161 7.02 18.63 -37.09
N SER B 162 6.36 19.65 -37.61
CA SER B 162 5.45 19.47 -38.73
C SER B 162 6.14 19.15 -40.06
N SER B 163 7.30 19.75 -40.30
CA SER B 163 8.03 19.49 -41.54
C SER B 163 8.39 18.02 -41.60
N ARG B 164 8.67 17.45 -40.43
CA ARG B 164 9.00 16.04 -40.33
C ARG B 164 7.85 15.32 -39.63
N GLN B 165 6.63 15.70 -39.99
CA GLN B 165 5.42 15.13 -39.41
C GLN B 165 5.46 13.61 -39.43
N GLN B 166 5.95 13.05 -40.54
CA GLN B 166 6.03 11.61 -40.71
C GLN B 166 6.77 10.88 -39.58
N SER B 167 7.96 11.36 -39.23
CA SER B 167 8.75 10.69 -38.18
C SER B 167 9.06 11.53 -36.94
N ALA B 168 8.66 12.79 -36.93
CA ALA B 168 8.91 13.63 -35.76
C ALA B 168 7.77 13.45 -34.75
N LEU B 169 6.57 13.22 -35.28
CA LEU B 169 5.38 13.03 -34.45
C LEU B 169 5.10 11.54 -34.32
N VAL B 170 4.89 11.07 -33.09
CA VAL B 170 4.65 9.65 -32.85
C VAL B 170 3.19 9.27 -32.63
N LYS B 171 2.93 7.98 -32.68
CA LYS B 171 1.59 7.42 -32.52
C LYS B 171 1.11 7.56 -31.08
N ASN B 172 1.93 7.15 -30.13
CA ASN B 172 1.59 7.23 -28.71
C ASN B 172 2.83 7.40 -27.83
N SER B 173 2.61 7.67 -26.55
CA SER B 173 3.72 7.85 -25.62
C SER B 173 4.66 6.67 -25.64
N ASP B 174 4.10 5.45 -25.62
CA ASP B 174 4.92 4.24 -25.68
C ASP B 174 5.90 4.34 -26.86
N GLU B 175 5.37 4.71 -28.02
CA GLU B 175 6.20 4.89 -29.21
C GLU B 175 7.13 6.10 -29.01
N GLY B 176 6.58 7.20 -28.45
CA GLY B 176 7.38 8.40 -28.19
C GLY B 176 8.58 8.04 -27.33
N ILE B 177 8.25 7.40 -26.18
CA ILE B 177 9.28 6.95 -25.24
C ILE B 177 10.26 5.98 -25.91
N GLN B 178 9.72 5.08 -26.73
CA GLN B 178 10.55 4.09 -27.43
C GLN B 178 11.54 4.75 -28.40
N ARG B 179 11.11 5.84 -29.07
CA ARG B 179 11.95 6.59 -30.02
C ARG B 179 13.10 7.26 -29.28
N VAL B 180 12.83 7.69 -28.06
CA VAL B 180 13.83 8.35 -27.23
C VAL B 180 14.91 7.34 -26.84
N LEU B 181 14.48 6.12 -26.55
CA LEU B 181 15.38 5.04 -26.14
C LEU B 181 16.21 4.48 -27.27
N THR B 182 15.62 4.41 -28.46
CA THR B 182 16.28 3.82 -29.63
C THR B 182 17.08 4.79 -30.53
N THR B 183 16.50 5.94 -30.88
CA THR B 183 17.17 6.91 -31.74
C THR B 183 17.49 8.21 -31.01
N ASP B 184 18.28 9.06 -31.67
CA ASP B 184 18.64 10.36 -31.11
C ASP B 184 17.36 11.20 -31.17
N TYR B 185 16.53 11.07 -30.16
CA TYR B 185 15.24 11.74 -30.16
C TYR B 185 14.79 12.23 -28.78
N ALA B 186 14.10 13.37 -28.77
CA ALA B 186 13.57 13.96 -27.55
C ALA B 186 12.05 14.05 -27.70
N LEU B 187 11.33 13.70 -26.66
CA LEU B 187 9.89 13.70 -26.72
C LEU B 187 9.30 14.80 -25.82
N LEU B 188 8.39 15.59 -26.38
CA LEU B 188 7.70 16.62 -25.60
C LEU B 188 6.46 15.99 -25.00
N MET B 189 6.44 15.90 -23.68
N MET B 189 6.33 16.09 -23.68
CA MET B 189 5.31 15.29 -23.03
CA MET B 189 5.14 15.60 -22.93
C MET B 189 5.14 15.92 -21.66
C MET B 189 4.91 16.20 -21.54
N GLU B 190 3.94 15.80 -21.13
N GLU B 190 3.74 15.87 -20.97
CA GLU B 190 3.62 16.36 -19.81
CA GLU B 190 3.38 16.36 -19.64
C GLU B 190 4.66 15.95 -18.77
C GLU B 190 4.34 15.89 -18.57
N SER B 191 4.87 16.85 -17.82
CA SER B 191 5.83 16.61 -16.77
C SER B 191 5.48 15.41 -15.89
N THR B 192 4.21 15.25 -15.57
CA THR B 192 3.78 14.11 -14.77
C THR B 192 4.25 12.78 -15.39
N SER B 193 4.07 12.62 -16.70
CA SER B 193 4.48 11.39 -17.39
C SER B 193 5.99 11.25 -17.48
N ILE B 194 6.69 12.36 -17.69
CA ILE B 194 8.13 12.33 -17.76
C ILE B 194 8.67 11.84 -16.43
N GLU B 195 8.12 12.38 -15.34
CA GLU B 195 8.54 11.97 -14.01
C GLU B 195 8.28 10.48 -13.82
N TYR B 196 7.13 10.02 -14.29
CA TYR B 196 6.76 8.62 -14.14
C TYR B 196 7.75 7.72 -14.89
N VAL B 197 8.06 8.10 -16.12
CA VAL B 197 8.99 7.31 -16.93
C VAL B 197 10.44 7.39 -16.47
N THR B 198 10.89 8.57 -16.05
CA THR B 198 12.27 8.70 -15.60
C THR B 198 12.52 7.93 -14.31
N GLN B 199 11.48 7.79 -13.48
CA GLN B 199 11.63 7.02 -12.26
C GLN B 199 11.89 5.54 -12.59
N ARG B 200 11.44 5.12 -13.77
CA ARG B 200 11.55 3.72 -14.21
C ARG B 200 12.56 3.43 -15.31
N ASN B 201 13.15 4.48 -15.87
CA ASN B 201 14.17 4.34 -16.92
C ASN B 201 15.34 5.23 -16.57
N CYS B 202 16.38 4.65 -15.98
CA CYS B 202 17.53 5.42 -15.55
C CYS B 202 18.31 6.05 -16.71
N ASN B 203 18.06 5.57 -17.92
CA ASN B 203 18.75 6.12 -19.10
C ASN B 203 18.11 7.43 -19.58
N LEU B 204 16.87 7.66 -19.17
CA LEU B 204 16.11 8.84 -19.57
C LEU B 204 16.01 9.93 -18.50
N THR B 205 15.86 11.18 -18.93
CA THR B 205 15.76 12.30 -18.01
C THR B 205 14.94 13.45 -18.57
N GLN B 206 14.44 14.30 -17.70
CA GLN B 206 13.70 15.46 -18.13
C GLN B 206 14.71 16.53 -18.54
N ILE B 207 14.38 17.30 -19.57
CA ILE B 207 15.25 18.38 -20.02
C ILE B 207 14.50 19.70 -19.91
N GLY B 208 15.08 20.64 -19.20
CA GLY B 208 14.48 21.96 -19.03
C GLY B 208 13.36 21.94 -18.02
N GLY B 209 12.60 23.03 -17.97
CA GLY B 209 11.50 23.13 -17.04
C GLY B 209 10.18 22.98 -17.75
N LEU B 210 9.15 23.58 -17.17
CA LEU B 210 7.81 23.48 -17.72
C LEU B 210 7.63 24.44 -18.87
N ILE B 211 7.04 23.95 -19.95
CA ILE B 211 6.79 24.74 -21.15
C ILE B 211 5.46 25.50 -21.07
N ASP B 212 4.46 24.88 -20.45
CA ASP B 212 3.18 25.54 -20.20
C ASP B 212 2.77 25.21 -18.78
N SER B 213 1.57 25.59 -18.38
CA SER B 213 1.14 25.31 -17.01
C SER B 213 -0.36 25.08 -16.93
N LYS B 214 -0.74 24.04 -16.20
CA LYS B 214 -2.15 23.69 -16.07
C LYS B 214 -2.30 22.82 -14.84
N GLY B 215 -3.52 22.67 -14.37
CA GLY B 215 -3.78 21.82 -13.23
C GLY B 215 -4.91 20.83 -13.43
N TYR B 216 -4.85 19.74 -12.68
CA TYR B 216 -5.91 18.74 -12.64
C TYR B 216 -6.80 19.12 -11.45
N GLY B 217 -8.11 19.12 -11.66
CA GLY B 217 -9.01 19.42 -10.57
C GLY B 217 -10.16 18.41 -10.58
N VAL B 218 -10.90 18.38 -9.49
CA VAL B 218 -12.04 17.46 -9.41
C VAL B 218 -13.24 18.19 -10.10
N GLY B 219 -13.87 17.53 -11.05
CA GLY B 219 -15.00 18.15 -11.79
C GLY B 219 -16.33 17.91 -11.09
N THR B 220 -17.25 18.89 -11.19
CA THR B 220 -18.58 18.74 -10.63
C THR B 220 -19.54 19.47 -11.57
N PRO B 221 -20.83 19.14 -11.46
CA PRO B 221 -21.74 19.95 -12.27
C PRO B 221 -21.72 21.38 -11.76
N ILE B 222 -22.18 22.30 -12.61
CA ILE B 222 -22.22 23.70 -12.27
C ILE B 222 -23.11 23.89 -11.04
N GLY B 223 -22.62 24.64 -10.06
CA GLY B 223 -23.42 24.86 -8.83
C GLY B 223 -23.32 23.79 -7.73
N SER B 224 -22.57 22.70 -7.97
CA SER B 224 -22.44 21.66 -6.96
C SER B 224 -21.92 22.20 -5.63
N PRO B 225 -22.61 21.87 -4.51
CA PRO B 225 -22.17 22.32 -3.19
C PRO B 225 -20.94 21.56 -2.71
N TYR B 226 -20.45 20.60 -3.50
CA TYR B 226 -19.25 19.82 -3.11
C TYR B 226 -17.95 20.44 -3.58
N ARG B 227 -18.02 21.28 -4.60
CA ARG B 227 -16.82 21.88 -5.19
C ARG B 227 -15.90 22.62 -4.22
N ASP B 228 -16.45 23.62 -3.54
CA ASP B 228 -15.62 24.36 -2.59
C ASP B 228 -15.17 23.49 -1.42
N LYS B 229 -16.00 22.54 -0.98
CA LYS B 229 -15.57 21.62 0.13
C LYS B 229 -14.37 20.80 -0.33
N ILE B 230 -14.43 20.37 -1.59
CA ILE B 230 -13.31 19.57 -2.15
C ILE B 230 -12.04 20.42 -2.24
N THR B 231 -12.16 21.67 -2.69
CA THR B 231 -11.00 22.56 -2.68
C THR B 231 -10.38 22.65 -1.27
N ILE B 232 -11.24 22.82 -0.26
N ILE B 232 -11.21 22.83 -0.25
CA ILE B 232 -10.77 22.88 1.14
CA ILE B 232 -10.68 22.91 1.13
C ILE B 232 -9.99 21.65 1.51
C ILE B 232 -10.00 21.63 1.58
N ALA B 233 -10.58 20.49 1.23
CA ALA B 233 -9.95 19.21 1.55
C ALA B 233 -8.62 19.09 0.82
N ILE B 234 -8.61 19.48 -0.45
CA ILE B 234 -7.35 19.47 -1.24
C ILE B 234 -6.25 20.33 -0.61
N LEU B 235 -6.60 21.53 -0.20
CA LEU B 235 -5.63 22.39 0.44
C LEU B 235 -5.08 21.77 1.74
N GLN B 236 -5.96 21.17 2.53
N GLN B 236 -5.97 21.15 2.51
CA GLN B 236 -5.52 20.52 3.76
CA GLN B 236 -5.58 20.47 3.76
C GLN B 236 -4.54 19.39 3.46
C GLN B 236 -4.55 19.39 3.45
N LEU B 237 -4.87 18.55 2.47
CA LEU B 237 -4.01 17.44 2.06
C LEU B 237 -2.65 17.95 1.56
N GLN B 238 -2.66 19.05 0.81
N GLN B 238 -2.69 19.04 0.81
CA GLN B 238 -1.38 19.59 0.33
CA GLN B 238 -1.49 19.70 0.28
C GLN B 238 -0.57 20.11 1.52
C GLN B 238 -0.60 20.20 1.42
N GLU B 239 -1.21 20.95 2.34
CA GLU B 239 -0.47 21.55 3.45
C GLU B 239 0.11 20.53 4.42
N GLU B 240 -0.61 19.44 4.64
N GLU B 240 -0.61 19.44 4.64
CA GLU B 240 -0.19 18.41 5.56
CA GLU B 240 -0.15 18.41 5.55
C GLU B 240 0.79 17.40 4.93
C GLU B 240 0.94 17.50 4.97
N GLY B 241 1.18 17.65 3.68
CA GLY B 241 2.15 16.84 2.97
C GLY B 241 1.60 15.53 2.47
N LYS B 242 0.28 15.38 2.52
CA LYS B 242 -0.37 14.13 2.07
C LYS B 242 -0.37 13.94 0.56
N LEU B 243 -0.54 15.04 -0.20
CA LEU B 243 -0.49 14.97 -1.66
C LEU B 243 0.93 14.57 -2.09
N HIS B 244 1.92 15.07 -1.39
CA HIS B 244 3.30 14.70 -1.73
C HIS B 244 3.49 13.20 -1.51
N MET B 245 3.07 12.69 -0.36
N MET B 245 2.99 12.71 -0.38
CA MET B 245 3.27 11.27 -0.07
CA MET B 245 3.10 11.29 -0.05
C MET B 245 2.42 10.37 -0.98
C MET B 245 2.43 10.45 -1.13
N MET B 246 1.30 10.92 -1.46
N MET B 246 1.16 10.76 -1.41
CA MET B 246 0.40 10.20 -2.35
CA MET B 246 0.41 10.03 -2.44
C MET B 246 1.07 10.12 -3.73
C MET B 246 1.14 10.06 -3.78
N LYS B 247 1.70 11.20 -4.13
CA LYS B 247 2.44 11.27 -5.40
C LYS B 247 3.66 10.32 -5.34
N GLU B 248 4.42 10.39 -4.25
N GLU B 248 4.41 10.39 -4.25
CA GLU B 248 5.59 9.51 -4.08
CA GLU B 248 5.58 9.52 -4.08
C GLU B 248 5.20 8.03 -4.11
C GLU B 248 5.19 8.04 -4.12
N LYS B 249 4.11 7.71 -3.44
CA LYS B 249 3.61 6.33 -3.40
C LYS B 249 3.47 5.75 -4.81
N TRP B 250 2.86 6.52 -5.70
CA TRP B 250 2.61 6.04 -7.08
C TRP B 250 3.70 6.30 -8.12
N TRP B 251 4.46 7.38 -7.98
CA TRP B 251 5.50 7.71 -8.94
C TRP B 251 6.88 7.11 -8.70
N ARG B 252 7.27 6.99 -7.45
CA ARG B 252 8.61 6.47 -7.16
C ARG B 252 8.89 5.06 -7.69
N GLY B 253 10.02 4.92 -8.40
CA GLY B 253 10.44 3.64 -8.96
C GLY B 253 11.62 3.08 -8.17
N ASN B 254 12.53 2.41 -8.88
CA ASN B 254 13.70 1.81 -8.25
C ASN B 254 14.98 2.62 -8.41
#